data_3MMS
#
_entry.id   3MMS
#
_cell.length_a   145.720
_cell.length_b   145.720
_cell.length_c   145.720
_cell.angle_alpha   90.00
_cell.angle_beta   90.00
_cell.angle_gamma   90.00
#
_symmetry.space_group_name_H-M   'I 41 3 2'
#
loop_
_entity.id
_entity.type
_entity.pdbx_description
1 polymer "5'-methylthioadenosine / S-adenosylhomocysteine nucleosidase"
2 non-polymer 9H-purine-6,8-diamine
3 non-polymer GLYCEROL
4 water water
#
_entity_poly.entity_id   1
_entity_poly.type   'polypeptide(L)'
_entity_poly.pdbx_seq_one_letter_code
;MKIGIIAAMPEELAYLVQHLDNAQEQVVLGNTYHTGTIVSHEVVLVESGIGKVMSAMSVAILAVHFQVDALINTGSAGAV
AEGIAVGDVVIADKLAYHDVDVTAFGYAYGQMAQQPLYFESDKTFVAQIQESLSQLDQNWHLGLIATGDSFVAGNDKIEA
IKSHFPEVLAVEMEGAAIAQAAHALNLPVLVIRAMSDNANHEANIFFDEFIIEAGRRSAQVLLAFLKALD
;
_entity_poly.pdbx_strand_id   A
#
loop_
_chem_comp.id
_chem_comp.type
_chem_comp.name
_chem_comp.formula
GOL non-polymer GLYCEROL 'C3 H8 O3'
Q88 non-polymer 9H-purine-6,8-diamine 'C5 H6 N6'
#
# COMPACT_ATOMS: atom_id res chain seq x y z
N MET A 1 0.80 -13.28 -15.47
CA MET A 1 -0.08 -12.19 -14.98
C MET A 1 0.30 -10.77 -15.32
N LYS A 2 -0.63 -10.07 -15.80
CA LYS A 2 -0.45 -8.58 -16.05
C LYS A 2 -0.69 -7.94 -14.60
N ILE A 3 0.33 -7.24 -14.13
CA ILE A 3 0.31 -6.69 -12.78
C ILE A 3 0.14 -5.17 -12.70
N GLY A 4 -0.89 -4.72 -12.00
CA GLY A 4 -1.10 -3.29 -11.82
C GLY A 4 -0.31 -2.90 -10.58
N ILE A 5 0.44 -1.81 -10.63
CA ILE A 5 1.26 -1.38 -9.51
C ILE A 5 0.85 0.04 -9.15
N ILE A 6 0.41 0.20 -7.91
CA ILE A 6 -0.12 1.49 -7.44
C ILE A 6 0.68 2.10 -6.34
N ALA A 7 0.96 3.40 -6.47
CA ALA A 7 1.63 4.16 -5.40
C ALA A 7 0.84 5.44 -5.24
N ALA A 8 0.72 5.93 -4.01
CA ALA A 8 -0.06 7.15 -3.79
C ALA A 8 0.61 8.41 -4.32
N MET A 9 1.92 8.50 -4.14
CA MET A 9 2.66 9.72 -4.50
C MET A 9 3.74 9.51 -5.54
N PRO A 10 4.10 10.57 -6.28
CA PRO A 10 5.14 10.39 -7.29
C PRO A 10 6.45 9.85 -6.77
N GLU A 11 6.86 10.28 -5.57
CA GLU A 11 8.12 9.81 -5.00
C GLU A 11 8.14 8.32 -4.81
N GLU A 12 6.95 7.74 -4.68
CA GLU A 12 6.83 6.30 -4.45
C GLU A 12 6.75 5.48 -5.72
N LEU A 13 6.60 6.16 -6.87
CA LEU A 13 6.52 5.46 -8.15
C LEU A 13 7.77 5.73 -9.02
N ALA A 14 8.50 6.80 -8.71
CA ALA A 14 9.65 7.20 -9.53
C ALA A 14 10.68 6.12 -9.83
N TYR A 15 11.12 5.41 -8.81
CA TYR A 15 12.14 4.38 -9.00
C TYR A 15 11.63 3.27 -9.93
N LEU A 16 10.35 2.91 -9.82
CA LEU A 16 9.79 1.86 -10.68
C LEU A 16 9.67 2.36 -12.13
N VAL A 17 9.31 3.63 -12.31
CA VAL A 17 9.21 4.15 -13.68
C VAL A 17 10.58 4.04 -14.34
N GLN A 18 11.64 4.33 -13.57
N GLN A 18 11.64 4.33 -13.57
CA GLN A 18 13.03 4.18 -14.08
CA GLN A 18 13.00 4.16 -14.05
C GLN A 18 13.41 2.75 -14.48
C GLN A 18 13.41 2.75 -14.48
N HIS A 19 12.71 1.75 -13.96
CA HIS A 19 12.99 0.35 -14.29
C HIS A 19 11.95 -0.25 -15.22
N LEU A 20 11.14 0.59 -15.84
CA LEU A 20 10.11 0.13 -16.77
C LEU A 20 10.66 0.01 -18.20
N ASP A 21 10.58 -1.20 -18.77
CA ASP A 21 11.07 -1.43 -20.14
C ASP A 21 9.95 -1.21 -21.15
N ASN A 22 10.31 -0.70 -22.34
CA ASN A 22 9.34 -0.38 -23.40
C ASN A 22 8.20 0.45 -22.83
N ALA A 23 8.58 1.42 -22.01
CA ALA A 23 7.61 2.26 -21.34
C ALA A 23 6.77 3.13 -22.24
N GLN A 24 5.45 3.08 -22.03
CA GLN A 24 4.50 3.92 -22.75
C GLN A 24 3.62 4.56 -21.71
N GLU A 25 2.97 5.65 -22.07
CA GLU A 25 2.09 6.36 -21.15
C GLU A 25 0.74 6.46 -21.80
N GLN A 26 -0.30 6.31 -21.00
CA GLN A 26 -1.64 6.37 -21.52
C GLN A 26 -2.42 7.20 -20.52
N VAL A 27 -3.02 8.29 -20.98
CA VAL A 27 -3.79 9.15 -20.10
C VAL A 27 -5.25 8.72 -20.09
N VAL A 28 -5.74 8.36 -18.91
CA VAL A 28 -7.13 7.96 -18.74
C VAL A 28 -7.81 8.84 -17.72
N LEU A 29 -8.80 9.55 -18.14
CA LEU A 29 -9.52 10.44 -17.26
C LEU A 29 -8.64 11.29 -16.37
N GLY A 30 -7.69 11.95 -17.02
CA GLY A 30 -6.76 12.81 -16.30
C GLY A 30 -5.65 12.30 -15.47
N ASN A 31 -5.42 11.03 -15.57
CA ASN A 31 -4.29 10.45 -14.87
C ASN A 31 -3.47 9.61 -15.83
N THR A 32 -2.17 9.53 -15.57
CA THR A 32 -1.25 8.80 -16.42
C THR A 32 -0.97 7.37 -15.96
N TYR A 33 -1.14 6.44 -16.88
CA TYR A 33 -0.89 5.03 -16.59
C TYR A 33 0.31 4.62 -17.43
N HIS A 34 1.33 4.06 -16.79
CA HIS A 34 2.54 3.66 -17.49
C HIS A 34 2.48 2.19 -17.81
N THR A 35 2.69 1.83 -19.07
CA THR A 35 2.69 0.42 -19.42
C THR A 35 4.03 -0.02 -19.94
N GLY A 36 4.31 -1.30 -19.80
CA GLY A 36 5.56 -1.86 -20.27
C GLY A 36 5.82 -3.12 -19.47
N THR A 37 7.08 -3.50 -19.35
CA THR A 37 7.42 -4.67 -18.57
C THR A 37 8.50 -4.35 -17.55
N ILE A 38 8.46 -5.07 -16.44
CA ILE A 38 9.52 -5.00 -15.45
C ILE A 38 10.05 -6.40 -15.24
N VAL A 39 11.32 -6.61 -15.59
CA VAL A 39 11.93 -7.92 -15.55
C VAL A 39 11.01 -8.99 -16.13
N SER A 40 10.47 -8.71 -17.30
CA SER A 40 9.68 -9.69 -18.05
C SER A 40 8.18 -9.64 -17.79
N HIS A 41 7.78 -9.07 -16.66
CA HIS A 41 6.37 -9.02 -16.30
C HIS A 41 5.67 -7.84 -16.95
N GLU A 42 4.49 -8.09 -17.54
CA GLU A 42 3.67 -7.01 -18.05
C GLU A 42 3.09 -6.25 -16.86
N VAL A 43 3.34 -4.95 -16.80
CA VAL A 43 2.86 -4.13 -15.70
C VAL A 43 2.09 -2.91 -16.19
N VAL A 44 1.24 -2.37 -15.34
CA VAL A 44 0.75 -1.00 -15.49
C VAL A 44 1.00 -0.23 -14.21
N LEU A 45 1.71 0.89 -14.31
CA LEU A 45 2.06 1.67 -13.11
C LEU A 45 1.21 2.91 -13.03
N VAL A 46 0.79 3.29 -11.82
CA VAL A 46 0.00 4.50 -11.68
C VAL A 46 0.20 5.14 -10.33
N GLU A 47 0.30 6.47 -10.35
CA GLU A 47 0.38 7.28 -9.13
C GLU A 47 -1.11 7.60 -8.93
N SER A 48 -1.73 6.96 -7.94
CA SER A 48 -3.15 7.16 -7.74
C SER A 48 -3.59 8.49 -7.17
N GLY A 49 -2.75 9.08 -6.32
CA GLY A 49 -3.18 10.23 -5.58
C GLY A 49 -3.40 9.67 -4.17
N ILE A 50 -3.53 10.55 -3.21
CA ILE A 50 -3.62 10.18 -1.80
C ILE A 50 -5.01 9.85 -1.25
N GLY A 51 -5.06 8.82 -0.41
CA GLY A 51 -6.32 8.53 0.27
C GLY A 51 -7.19 7.41 -0.27
N LYS A 52 -8.25 7.10 0.47
CA LYS A 52 -9.14 6.00 0.10
C LYS A 52 -9.78 6.10 -1.29
N VAL A 53 -10.36 7.26 -1.59
CA VAL A 53 -11.04 7.44 -2.86
C VAL A 53 -10.10 7.37 -4.06
N MET A 54 -8.95 8.05 -4.00
CA MET A 54 -8.05 8.03 -5.14
C MET A 54 -7.54 6.62 -5.37
N SER A 55 -7.21 5.93 -4.30
N SER A 55 -7.21 5.93 -4.30
CA SER A 55 -6.76 4.48 -4.36
CA SER A 55 -6.71 4.57 -4.41
C SER A 55 -7.75 3.63 -4.97
C SER A 55 -7.75 3.63 -4.97
N ALA A 56 -8.99 3.73 -4.51
CA ALA A 56 -10.07 2.89 -5.02
C ALA A 56 -10.31 3.12 -6.52
N MET A 57 -10.26 4.38 -6.95
CA MET A 57 -10.47 4.63 -8.37
C MET A 57 -9.38 4.00 -9.21
N SER A 58 -8.07 4.05 -8.78
N SER A 58 -8.07 4.05 -8.78
CA SER A 58 -7.00 3.43 -9.57
CA SER A 58 -7.02 3.34 -9.54
C SER A 58 -7.21 1.92 -9.67
C SER A 58 -7.21 1.92 -9.67
N VAL A 59 -7.64 1.30 -8.55
CA VAL A 59 -7.85 -0.14 -8.64
C VAL A 59 -8.94 -0.45 -9.65
N ALA A 60 -10.04 0.29 -9.58
CA ALA A 60 -11.15 0.06 -10.50
C ALA A 60 -10.73 0.24 -11.96
N ILE A 61 -9.94 1.27 -12.24
CA ILE A 61 -9.53 1.50 -13.63
C ILE A 61 -8.51 0.47 -14.09
N LEU A 62 -7.59 0.09 -13.22
CA LEU A 62 -6.65 -0.98 -13.53
C LEU A 62 -7.39 -2.29 -13.84
N ALA A 63 -8.43 -2.57 -13.06
CA ALA A 63 -9.21 -3.79 -13.24
C ALA A 63 -10.03 -3.74 -14.53
N VAL A 64 -10.80 -2.68 -14.69
CA VAL A 64 -11.83 -2.65 -15.73
C VAL A 64 -11.25 -2.26 -17.08
N HIS A 65 -10.33 -1.30 -17.08
CA HIS A 65 -9.78 -0.78 -18.33
C HIS A 65 -8.54 -1.53 -18.78
N PHE A 66 -7.61 -1.76 -17.85
CA PHE A 66 -6.37 -2.44 -18.19
C PHE A 66 -6.44 -3.95 -18.01
N GLN A 67 -7.53 -4.42 -17.42
CA GLN A 67 -7.71 -5.86 -17.21
C GLN A 67 -6.52 -6.55 -16.55
N VAL A 68 -6.02 -5.95 -15.48
CA VAL A 68 -4.91 -6.57 -14.77
C VAL A 68 -5.37 -7.83 -14.03
N ASP A 69 -4.39 -8.68 -13.71
CA ASP A 69 -4.64 -9.94 -13.04
C ASP A 69 -4.26 -9.91 -11.58
N ALA A 70 -3.50 -8.90 -11.18
CA ALA A 70 -3.03 -8.80 -9.79
C ALA A 70 -2.58 -7.38 -9.54
N LEU A 71 -2.43 -7.04 -8.26
CA LEU A 71 -2.02 -5.71 -7.86
C LEU A 71 -0.90 -5.73 -6.83
N ILE A 72 0.00 -4.74 -6.91
CA ILE A 72 1.01 -4.58 -5.90
C ILE A 72 0.92 -3.09 -5.55
N ASN A 73 0.89 -2.80 -4.25
CA ASN A 73 0.76 -1.43 -3.75
C ASN A 73 2.03 -1.16 -2.96
N THR A 74 2.72 -0.07 -3.29
CA THR A 74 4.02 0.24 -2.69
C THR A 74 4.09 1.68 -2.20
N GLY A 75 4.97 1.96 -1.24
CA GLY A 75 5.13 3.32 -0.78
C GLY A 75 5.67 3.44 0.62
N SER A 76 5.38 4.58 1.22
CA SER A 76 5.85 4.91 2.56
C SER A 76 4.73 4.86 3.59
N ALA A 77 5.10 4.62 4.85
CA ALA A 77 4.13 4.59 5.94
C ALA A 77 4.81 5.06 7.22
N GLY A 78 4.00 5.23 8.27
CA GLY A 78 4.52 5.66 9.57
C GLY A 78 4.65 4.46 10.48
N ALA A 79 5.83 4.34 11.11
CA ALA A 79 6.15 3.23 12.02
C ALA A 79 5.59 3.44 13.41
N VAL A 80 4.82 2.48 13.92
CA VAL A 80 4.20 2.63 15.22
C VAL A 80 4.51 1.50 16.22
N ALA A 81 5.04 0.40 15.74
CA ALA A 81 5.20 -0.79 16.57
C ALA A 81 6.60 -0.91 17.17
N GLU A 82 6.69 -1.64 18.22
CA GLU A 82 7.98 -1.98 18.82
C GLU A 82 8.90 -2.63 17.80
N GLY A 83 10.18 -2.21 17.82
CA GLY A 83 11.14 -2.78 16.91
C GLY A 83 11.13 -2.30 15.48
N ILE A 84 10.21 -1.40 15.14
CA ILE A 84 10.18 -0.95 13.75
C ILE A 84 10.86 0.41 13.61
N ALA A 85 12.00 0.39 12.94
CA ALA A 85 12.81 1.59 12.73
C ALA A 85 12.43 2.32 11.47
N VAL A 86 12.71 3.63 11.45
CA VAL A 86 12.52 4.40 10.24
C VAL A 86 13.47 3.75 9.22
N GLY A 87 12.99 3.52 8.01
CA GLY A 87 13.77 2.86 6.98
C GLY A 87 13.44 1.37 6.83
N ASP A 88 12.76 0.81 7.83
CA ASP A 88 12.40 -0.62 7.75
C ASP A 88 11.25 -0.85 6.76
N VAL A 89 11.10 -2.09 6.31
CA VAL A 89 10.01 -2.44 5.40
C VAL A 89 8.98 -3.28 6.14
N VAL A 90 7.69 -3.06 5.83
CA VAL A 90 6.65 -3.87 6.43
C VAL A 90 5.87 -4.50 5.27
N ILE A 91 5.70 -5.82 5.34
CA ILE A 91 4.89 -6.53 4.34
C ILE A 91 3.58 -6.72 5.11
N ALA A 92 2.47 -6.25 4.55
CA ALA A 92 1.19 -6.36 5.26
C ALA A 92 0.49 -7.70 5.07
N ASP A 93 0.57 -8.57 6.06
CA ASP A 93 -0.17 -9.83 5.98
C ASP A 93 -1.63 -9.65 6.36
N LYS A 94 -2.03 -8.54 6.90
CA LYS A 94 -3.36 -8.07 7.22
C LYS A 94 -3.43 -6.54 7.09
N LEU A 95 -4.64 -6.18 6.67
CA LEU A 95 -4.94 -4.77 6.57
C LEU A 95 -6.33 -4.48 7.14
N ALA A 96 -6.47 -3.35 7.82
CA ALA A 96 -7.76 -2.94 8.37
C ALA A 96 -7.81 -1.43 8.48
N TYR A 97 -9.02 -0.89 8.57
CA TYR A 97 -9.20 0.54 8.75
C TYR A 97 -9.18 0.89 10.23
N HIS A 98 -8.49 1.97 10.57
CA HIS A 98 -8.48 2.40 11.96
C HIS A 98 -9.49 3.53 12.20
N ASP A 99 -10.14 4.00 11.13
CA ASP A 99 -11.05 5.14 11.24
C ASP A 99 -12.51 4.88 10.85
N VAL A 100 -12.89 3.61 10.84
CA VAL A 100 -14.23 3.19 10.46
C VAL A 100 -15.04 2.75 11.66
N ASP A 101 -16.24 3.32 11.79
CA ASP A 101 -17.14 2.95 12.89
C ASP A 101 -18.56 2.74 12.39
N VAL A 102 -18.92 1.45 12.21
CA VAL A 102 -20.29 1.10 11.86
C VAL A 102 -20.74 0.15 12.98
N THR A 103 -20.21 0.39 14.18
CA THR A 103 -20.54 -0.46 15.31
C THR A 103 -22.01 -0.40 15.73
N ALA A 104 -22.72 0.64 15.31
CA ALA A 104 -24.14 0.74 15.64
C ALA A 104 -24.92 -0.46 15.11
N PHE A 105 -24.42 -1.10 14.06
CA PHE A 105 -25.10 -2.27 13.48
C PHE A 105 -24.47 -3.60 13.88
N GLY A 106 -23.52 -3.54 14.83
CA GLY A 106 -22.88 -4.75 15.34
C GLY A 106 -21.54 -5.10 14.75
N TYR A 107 -21.11 -4.37 13.73
CA TYR A 107 -19.79 -4.64 13.13
C TYR A 107 -18.69 -4.36 14.16
N ALA A 108 -17.53 -4.98 13.97
CA ALA A 108 -16.39 -4.73 14.85
C ALA A 108 -15.88 -3.32 14.53
N TYR A 109 -15.27 -2.66 15.50
CA TYR A 109 -14.72 -1.35 15.20
C TYR A 109 -13.69 -1.52 14.08
N GLY A 110 -13.72 -0.63 13.08
CA GLY A 110 -12.78 -0.72 11.97
C GLY A 110 -13.35 -1.47 10.77
N GLN A 111 -14.40 -2.25 11.00
CA GLN A 111 -14.99 -3.04 9.94
C GLN A 111 -16.01 -2.25 9.12
N MET A 112 -15.74 -2.09 7.82
CA MET A 112 -16.71 -1.41 6.97
C MET A 112 -17.93 -2.31 6.75
N ALA A 113 -19.10 -1.71 6.63
CA ALA A 113 -20.32 -2.48 6.40
C ALA A 113 -20.16 -3.35 5.16
N GLN A 114 -20.68 -4.57 5.22
N GLN A 114 -20.68 -4.57 5.22
CA GLN A 114 -20.64 -5.55 4.14
CA GLN A 114 -20.62 -5.49 4.10
C GLN A 114 -19.20 -5.87 3.70
C GLN A 114 -19.20 -5.87 3.70
N GLN A 115 -18.29 -5.81 4.65
CA GLN A 115 -16.88 -6.14 4.40
C GLN A 115 -16.30 -6.88 5.60
N PRO A 116 -15.18 -7.60 5.39
CA PRO A 116 -14.56 -8.29 6.52
C PRO A 116 -13.80 -7.22 7.33
N LEU A 117 -13.53 -7.50 8.59
CA LEU A 117 -12.71 -6.58 9.38
C LEU A 117 -11.28 -6.51 8.83
N TYR A 118 -10.72 -7.67 8.46
CA TYR A 118 -9.37 -7.73 7.93
C TYR A 118 -9.28 -8.21 6.51
N PHE A 119 -8.49 -7.51 5.70
CA PHE A 119 -8.20 -7.92 4.33
C PHE A 119 -6.78 -8.46 4.43
N GLU A 120 -6.31 -9.13 3.39
CA GLU A 120 -4.94 -9.63 3.46
C GLU A 120 -4.21 -9.56 2.14
N SER A 121 -2.89 -9.43 2.21
CA SER A 121 -2.12 -9.52 1.00
C SER A 121 -2.24 -10.99 0.63
N ASP A 122 -2.21 -11.27 -0.65
CA ASP A 122 -2.34 -12.63 -1.18
C ASP A 122 -1.31 -13.55 -0.50
N LYS A 123 -1.76 -14.69 0.03
CA LYS A 123 -0.82 -15.54 0.74
C LYS A 123 0.33 -16.09 -0.08
N THR A 124 0.09 -16.40 -1.36
CA THR A 124 1.23 -16.91 -2.11
C THR A 124 2.24 -15.82 -2.43
N PHE A 125 1.78 -14.60 -2.63
CA PHE A 125 2.70 -13.48 -2.88
C PHE A 125 3.53 -13.23 -1.61
N VAL A 126 2.88 -13.25 -0.46
CA VAL A 126 3.58 -13.04 0.80
C VAL A 126 4.64 -14.11 1.05
N ALA A 127 4.31 -15.37 0.75
CA ALA A 127 5.27 -16.45 0.95
C ALA A 127 6.49 -16.23 0.05
N GLN A 128 6.25 -15.86 -1.19
CA GLN A 128 7.35 -15.64 -2.13
C GLN A 128 8.22 -14.45 -1.77
N ILE A 129 7.62 -13.33 -1.37
CA ILE A 129 8.45 -12.18 -1.08
C ILE A 129 9.27 -12.38 0.19
N GLN A 130 8.74 -13.17 1.13
CA GLN A 130 9.48 -13.43 2.36
C GLN A 130 10.75 -14.14 1.97
N GLU A 131 10.64 -15.05 1.00
CA GLU A 131 11.79 -15.83 0.56
C GLU A 131 12.83 -14.95 -0.12
N SER A 132 12.36 -13.96 -0.88
CA SER A 132 13.25 -13.06 -1.61
C SER A 132 13.84 -11.99 -0.69
N LEU A 133 13.11 -11.66 0.37
CA LEU A 133 13.64 -10.81 1.42
C LEU A 133 14.66 -11.57 2.27
N GLN A 138 17.97 -5.27 3.86
CA GLN A 138 16.73 -4.64 4.30
C GLN A 138 16.15 -5.33 5.53
N ASN A 139 16.05 -4.65 6.65
CA ASN A 139 15.24 -5.05 7.80
C ASN A 139 13.75 -4.94 7.51
N TRP A 140 13.09 -6.02 7.82
CA TRP A 140 11.69 -6.09 7.47
C TRP A 140 10.83 -6.82 8.50
N HIS A 141 9.53 -6.56 8.43
CA HIS A 141 8.55 -7.12 9.36
C HIS A 141 7.32 -7.57 8.60
N LEU A 142 6.59 -8.50 9.20
CA LEU A 142 5.37 -9.04 8.62
C LEU A 142 4.23 -8.81 9.61
N GLY A 143 3.20 -8.09 9.17
CA GLY A 143 2.12 -7.86 10.10
C GLY A 143 1.05 -6.93 9.58
N LEU A 144 0.30 -6.38 10.52
CA LEU A 144 -0.82 -5.49 10.22
C LEU A 144 -0.47 -4.03 9.90
N ILE A 145 -1.03 -3.53 8.80
CA ILE A 145 -0.93 -2.11 8.47
C ILE A 145 -2.37 -1.63 8.58
N ALA A 146 -2.55 -0.53 9.33
CA ALA A 146 -3.86 0.06 9.55
C ALA A 146 -4.00 1.32 8.72
N THR A 147 -5.14 1.43 8.04
CA THR A 147 -5.38 2.51 7.09
C THR A 147 -6.44 3.48 7.56
N GLY A 148 -6.23 4.76 7.26
CA GLY A 148 -7.20 5.80 7.56
C GLY A 148 -7.03 7.01 6.66
N ASP A 149 -8.11 7.74 6.44
CA ASP A 149 -8.05 8.94 5.61
C ASP A 149 -7.55 10.05 6.54
N SER A 150 -6.36 9.88 7.07
CA SER A 150 -5.75 10.85 7.96
C SER A 150 -4.26 10.61 7.99
N PHE A 151 -3.48 11.68 8.09
CA PHE A 151 -2.05 11.54 8.23
C PHE A 151 -1.85 11.58 9.73
N VAL A 152 -1.30 10.49 10.29
CA VAL A 152 -1.10 10.36 11.75
C VAL A 152 0.14 11.11 12.19
N ALA A 153 -0.03 12.06 13.09
CA ALA A 153 1.09 12.88 13.53
C ALA A 153 0.92 13.27 14.99
N GLY A 154 0.93 12.27 15.84
CA GLY A 154 0.80 12.53 17.27
C GLY A 154 0.65 11.24 18.06
N ASN A 155 1.29 11.19 19.24
CA ASN A 155 1.18 9.99 20.05
C ASN A 155 -0.25 9.72 20.50
N ASP A 156 -1.04 10.79 20.67
CA ASP A 156 -2.42 10.56 21.05
C ASP A 156 -3.13 9.76 19.96
N LYS A 157 -2.93 10.11 18.69
CA LYS A 157 -3.60 9.34 17.64
C LYS A 157 -3.04 7.92 17.52
N ILE A 158 -1.73 7.75 17.68
CA ILE A 158 -1.13 6.43 17.63
C ILE A 158 -1.75 5.53 18.70
N GLU A 159 -1.88 6.07 19.90
CA GLU A 159 -2.40 5.29 21.02
C GLU A 159 -3.87 4.95 20.81
N ALA A 160 -4.62 5.88 20.24
CA ALA A 160 -5.99 5.63 19.84
C ALA A 160 -6.06 4.43 18.89
N ILE A 161 -5.21 4.44 17.87
CA ILE A 161 -5.21 3.37 16.89
C ILE A 161 -4.83 2.05 17.54
N LYS A 162 -3.80 2.08 18.38
CA LYS A 162 -3.36 0.86 19.04
C LYS A 162 -4.40 0.30 20.01
N SER A 163 -5.26 1.16 20.53
CA SER A 163 -6.26 0.67 21.47
C SER A 163 -7.26 -0.22 20.72
N HIS A 164 -7.39 0.02 19.41
CA HIS A 164 -8.28 -0.80 18.61
C HIS A 164 -7.53 -1.98 17.99
N PHE A 165 -6.29 -1.73 17.56
CA PHE A 165 -5.45 -2.76 16.94
C PHE A 165 -4.08 -2.79 17.61
N PRO A 166 -3.98 -3.50 18.75
CA PRO A 166 -2.71 -3.56 19.45
C PRO A 166 -1.52 -4.09 18.67
N GLU A 167 -1.76 -4.91 17.65
CA GLU A 167 -0.67 -5.48 16.88
C GLU A 167 -0.29 -4.64 15.66
N VAL A 168 -0.88 -3.46 15.49
CA VAL A 168 -0.55 -2.65 14.31
C VAL A 168 0.95 -2.34 14.20
N LEU A 169 1.49 -2.48 12.99
CA LEU A 169 2.92 -2.20 12.80
C LEU A 169 3.15 -0.82 12.21
N ALA A 170 2.31 -0.42 11.27
CA ALA A 170 2.45 0.87 10.60
C ALA A 170 1.10 1.42 10.18
N VAL A 171 1.06 2.72 9.93
CA VAL A 171 -0.17 3.40 9.53
C VAL A 171 0.03 4.18 8.25
N GLU A 172 -1.00 4.21 7.41
CA GLU A 172 -0.97 5.01 6.20
C GLU A 172 -2.37 5.12 5.59
N MET A 173 -2.49 5.84 4.49
CA MET A 173 -3.81 6.21 3.99
C MET A 173 -4.46 5.46 2.82
N GLU A 174 -3.87 4.36 2.38
CA GLU A 174 -4.42 3.67 1.23
C GLU A 174 -4.53 2.16 1.27
N GLY A 175 -3.63 1.50 2.02
CA GLY A 175 -3.57 0.05 2.02
C GLY A 175 -4.86 -0.74 2.07
N ALA A 176 -5.63 -0.50 3.12
CA ALA A 176 -6.89 -1.23 3.28
C ALA A 176 -7.91 -0.84 2.22
N ALA A 177 -7.79 0.38 1.68
CA ALA A 177 -8.71 0.80 0.62
C ALA A 177 -8.39 0.03 -0.65
N ILE A 178 -7.09 -0.07 -0.95
N ILE A 178 -7.09 -0.07 -0.95
CA ILE A 178 -6.66 -0.83 -2.11
CA ILE A 178 -6.68 -0.93 -2.08
C ILE A 178 -7.08 -2.30 -1.95
C ILE A 178 -7.08 -2.30 -1.95
N ALA A 179 -6.88 -2.84 -0.75
CA ALA A 179 -7.23 -4.24 -0.52
C ALA A 179 -8.75 -4.43 -0.58
N GLN A 180 -9.53 -3.49 -0.03
CA GLN A 180 -10.98 -3.60 -0.12
C GLN A 180 -11.44 -3.61 -1.59
N ALA A 181 -10.88 -2.70 -2.40
CA ALA A 181 -11.23 -2.62 -3.79
C ALA A 181 -10.79 -3.87 -4.53
N ALA A 182 -9.55 -4.30 -4.28
CA ALA A 182 -9.04 -5.49 -4.95
C ALA A 182 -9.93 -6.69 -4.64
N HIS A 183 -10.31 -6.86 -3.37
CA HIS A 183 -11.15 -8.01 -3.00
C HIS A 183 -12.50 -7.94 -3.70
N ALA A 184 -13.10 -6.75 -3.74
CA ALA A 184 -14.40 -6.57 -4.38
C ALA A 184 -14.35 -6.89 -5.87
N LEU A 185 -13.20 -6.61 -6.50
CA LEU A 185 -13.04 -6.83 -7.93
C LEU A 185 -12.34 -8.14 -8.23
N ASN A 186 -12.23 -8.97 -7.20
CA ASN A 186 -11.66 -10.30 -7.32
C ASN A 186 -10.22 -10.37 -7.82
N LEU A 187 -9.37 -9.53 -7.23
CA LEU A 187 -7.96 -9.48 -7.61
C LEU A 187 -7.06 -9.66 -6.41
N PRO A 188 -5.99 -10.45 -6.55
CA PRO A 188 -5.05 -10.65 -5.43
C PRO A 188 -4.21 -9.38 -5.34
N VAL A 189 -3.81 -9.02 -4.12
CA VAL A 189 -2.99 -7.83 -3.93
C VAL A 189 -1.86 -8.10 -2.93
N LEU A 190 -0.75 -7.39 -3.10
CA LEU A 190 0.38 -7.47 -2.17
C LEU A 190 0.63 -6.02 -1.75
N VAL A 191 0.69 -5.78 -0.45
CA VAL A 191 0.92 -4.43 0.07
C VAL A 191 2.26 -4.36 0.78
N ILE A 192 3.10 -3.44 0.30
CA ILE A 192 4.45 -3.26 0.83
C ILE A 192 4.65 -1.80 1.22
N ARG A 193 5.35 -1.55 2.32
CA ARG A 193 5.65 -0.16 2.71
C ARG A 193 7.03 -0.07 3.34
N ALA A 194 7.66 1.09 3.21
CA ALA A 194 8.93 1.34 3.92
C ALA A 194 8.61 2.53 4.86
N MET A 195 9.21 2.55 6.04
CA MET A 195 8.91 3.59 7.04
C MET A 195 9.66 4.89 6.82
N SER A 196 8.90 5.98 6.74
CA SER A 196 9.52 7.31 6.56
C SER A 196 9.47 8.15 7.83
N ASP A 197 8.68 7.73 8.81
CA ASP A 197 8.52 8.52 10.01
C ASP A 197 7.90 7.65 11.10
N ASN A 198 7.66 8.25 12.27
CA ASN A 198 7.12 7.53 13.41
C ASN A 198 5.68 7.92 13.72
N ALA A 199 5.05 8.64 12.80
CA ALA A 199 3.65 9.02 12.96
C ALA A 199 3.42 9.82 14.25
N ASN A 200 4.47 10.46 14.74
CA ASN A 200 4.38 11.25 15.96
C ASN A 200 4.25 12.75 15.67
N HIS A 201 4.49 13.58 16.67
CA HIS A 201 4.31 15.02 16.52
C HIS A 201 5.21 15.63 15.46
N GLU A 202 6.27 14.93 15.07
CA GLU A 202 7.21 15.43 14.08
C GLU A 202 7.04 14.74 12.73
N ALA A 203 5.94 14.01 12.58
CA ALA A 203 5.81 13.05 11.49
C ALA A 203 5.91 13.73 10.13
N ASN A 204 5.28 14.89 10.00
CA ASN A 204 5.30 15.61 8.73
C ASN A 204 6.71 16.05 8.35
N ILE A 205 7.51 16.40 9.36
CA ILE A 205 8.89 16.82 9.13
C ILE A 205 9.76 15.67 8.61
N PHE A 206 9.65 14.52 9.26
CA PHE A 206 10.47 13.40 8.85
C PHE A 206 9.94 12.76 7.56
N PHE A 207 8.63 12.80 7.35
CA PHE A 207 8.05 12.34 6.09
C PHE A 207 8.71 13.16 4.95
N ASP A 208 8.74 14.49 5.10
CA ASP A 208 9.32 15.33 4.04
C ASP A 208 10.80 14.99 3.78
N GLU A 209 11.55 14.69 4.83
CA GLU A 209 12.95 14.37 4.61
C GLU A 209 13.23 13.02 4.01
N PHE A 210 12.42 12.04 4.40
CA PHE A 210 12.67 10.66 4.00
C PHE A 210 11.74 10.02 3.00
N ILE A 211 10.78 10.78 2.48
CA ILE A 211 9.86 10.20 1.52
C ILE A 211 10.58 9.56 0.32
N ILE A 212 11.61 10.22 -0.22
CA ILE A 212 12.26 9.62 -1.38
C ILE A 212 12.95 8.30 -1.02
N GLU A 213 13.63 8.29 0.03
CA GLU A 213 14.26 6.96 0.52
C GLU A 213 13.26 5.97 0.77
N ALA A 214 12.22 6.25 1.47
CA ALA A 214 11.20 5.24 1.76
C ALA A 214 10.55 4.74 0.49
N GLY A 215 10.24 5.66 -0.43
CA GLY A 215 9.62 5.25 -1.69
C GLY A 215 10.55 4.31 -2.42
N ARG A 216 11.85 4.64 -2.46
CA ARG A 216 12.78 3.77 -3.15
C ARG A 216 12.94 2.40 -2.47
N ARG A 217 13.06 2.37 -1.15
CA ARG A 217 13.23 1.09 -0.43
C ARG A 217 12.07 0.15 -0.67
N SER A 218 10.86 0.70 -0.66
CA SER A 218 9.68 -0.15 -0.88
C SER A 218 9.72 -0.67 -2.32
N ALA A 219 10.08 0.21 -3.24
CA ALA A 219 10.16 -0.15 -4.66
C ALA A 219 11.22 -1.23 -4.90
N GLN A 220 12.32 -1.16 -4.17
CA GLN A 220 13.40 -2.13 -4.33
C GLN A 220 12.93 -3.51 -3.89
N VAL A 221 12.12 -3.55 -2.85
CA VAL A 221 11.58 -4.82 -2.40
C VAL A 221 10.62 -5.34 -3.48
N LEU A 222 9.80 -4.46 -4.05
CA LEU A 222 8.87 -4.87 -5.10
C LEU A 222 9.65 -5.45 -6.29
N LEU A 223 10.74 -4.80 -6.66
CA LEU A 223 11.54 -5.30 -7.78
C LEU A 223 12.13 -6.67 -7.48
N ALA A 224 12.63 -6.87 -6.25
CA ALA A 224 13.21 -8.16 -5.88
C ALA A 224 12.12 -9.22 -5.99
N PHE A 225 10.90 -8.87 -5.61
CA PHE A 225 9.78 -9.79 -5.70
C PHE A 225 9.48 -10.15 -7.16
N LEU A 226 9.48 -9.15 -8.05
CA LEU A 226 9.19 -9.45 -9.45
C LEU A 226 10.29 -10.29 -10.10
N LYS A 227 11.54 -10.08 -9.69
CA LYS A 227 12.65 -10.84 -10.24
C LYS A 227 12.51 -12.32 -9.93
N ALA A 228 11.90 -12.64 -8.79
CA ALA A 228 11.70 -14.01 -8.36
C ALA A 228 10.36 -14.62 -8.77
N LEU A 229 9.40 -13.76 -9.08
CA LEU A 229 8.07 -14.23 -9.48
C LEU A 229 8.10 -14.80 -10.89
N1 Q88 B . 0.32 8.76 8.52
C2 Q88 B . -0.37 8.44 7.43
N3 Q88 B . 0.22 8.10 6.28
C4 Q88 B . 1.56 8.09 6.18
C5 Q88 B . 2.36 8.43 7.31
C6 Q88 B . 1.68 8.79 8.52
N6 Q88 B . 2.36 9.13 9.68
N7 Q88 B . 3.67 8.35 6.91
C8 Q88 B . 3.69 7.98 5.63
N8 Q88 B . 4.80 7.79 4.86
N9 Q88 B . 2.43 7.82 5.17
N1 Q88 C . -9.99 -12.20 12.92
C2 Q88 C . -10.55 -12.15 11.68
N3 Q88 C . -11.75 -11.60 11.48
C4 Q88 C . -12.46 -11.06 12.48
C5 Q88 C . -11.92 -11.09 13.80
C6 Q88 C . -10.63 -11.67 13.99
N6 Q88 C . -10.04 -11.73 15.26
N7 Q88 C . -12.82 -10.49 14.62
C8 Q88 C . -13.87 -10.10 13.90
N8 Q88 C . -14.98 -9.46 14.42
N9 Q88 C . -13.69 -10.45 12.58
C1 GOL D . -10.93 -10.75 2.42
O1 GOL D . -11.80 -11.64 3.09
C2 GOL D . -9.76 -11.54 1.83
O2 GOL D . -8.97 -12.06 2.87
C3 GOL D . -8.93 -10.66 0.91
O3 GOL D . -8.32 -9.60 1.62
#